data_1JTJ
#
_entry.id   1JTJ
#
_cell.length_a   ?
_cell.length_b   ?
_cell.length_c   ?
_cell.angle_alpha   ?
_cell.angle_beta   ?
_cell.angle_gamma   ?
#
_entity_poly.entity_id   1
_entity_poly.type   'polyribonucleotide'
_entity_poly.pdbx_seq_one_letter_code
;CUUGCUGAAGCACGCACGGCAAG
;
_entity_poly.pdbx_strand_id   A
#
loop_
_chem_comp.id
_chem_comp.type
_chem_comp.name
_chem_comp.formula
A RNA linking ADENOSINE-5'-MONOPHOSPHATE 'C10 H14 N5 O7 P'
C RNA linking CYTIDINE-5'-MONOPHOSPHATE 'C9 H14 N3 O8 P'
G RNA linking GUANOSINE-5'-MONOPHOSPHATE 'C10 H14 N5 O8 P'
U RNA linking URIDINE-5'-MONOPHOSPHATE 'C9 H13 N2 O9 P'
#